data_1MFA
#
_entry.id   1MFA
#
_cell.length_a   53.100
_cell.length_b   61.000
_cell.length_c   74.800
_cell.angle_alpha   90.00
_cell.angle_beta   90.00
_cell.angle_gamma   90.00
#
_symmetry.space_group_name_H-M   'P 21 21 21'
#
loop_
_entity.id
_entity.type
_entity.pdbx_description
1 polymer 'IGG1-LAMBDA SE155-4 FAB (LIGHT CHAIN)'
2 polymer 'IGG1-LAMBDA SE155-4 FAB (HEAVY CHAIN)'
3 branched 'alpha-D-galactopyranose-(1-2)-[alpha-D-Abequopyranose-(1-3)]methyl alpha-D-mannopyranoside'
4 water water
#
loop_
_entity_poly.entity_id
_entity_poly.type
_entity_poly.pdbx_seq_one_letter_code
_entity_poly.pdbx_strand_id
1 'polypeptide(L)'
;QIVVTQESALTTSPGETVTLTCRSSTGTVTSGNHANWVQEKPDHLFTGLIGDTNNRAPGVPARFSGSLIGDKAALTITGA
QPEDEAIYFCALWSNNHWIFGGGTKLTVLGQPKSSPSVTLFPPSSEG
;
L
2 'polypeptide(L)'
;EVQVQQSGTVVARPGASVKMSCKASGYTFTNYWMHWIKQRPGQGLEWIGAIYPGNSATFYNHKFRAKTKLTAVTSTTTAY
MELSSLTSEDSAVYYCTRGGHGYYGDYWGQGASLTVSSAK
;
H
#
# COMPACT_ATOMS: atom_id res chain seq x y z
N GLN A 1 15.79 4.32 -0.01
CA GLN A 1 16.81 4.79 0.90
C GLN A 1 17.17 3.56 1.69
N ILE A 2 16.40 3.29 2.74
CA ILE A 2 16.59 2.03 3.43
C ILE A 2 16.03 0.93 2.53
N VAL A 3 16.37 -0.28 2.85
CA VAL A 3 15.90 -1.45 2.17
C VAL A 3 15.08 -2.10 3.28
N VAL A 4 13.85 -2.56 2.96
CA VAL A 4 13.00 -3.26 3.92
C VAL A 4 12.98 -4.73 3.51
N THR A 5 13.20 -5.65 4.44
CA THR A 5 13.27 -7.06 4.16
C THR A 5 12.25 -7.85 4.98
N GLN A 6 11.64 -8.85 4.33
CA GLN A 6 10.67 -9.77 4.90
C GLN A 6 11.06 -11.17 4.43
N GLU A 7 10.59 -12.20 5.11
CA GLU A 7 10.77 -13.58 4.67
C GLU A 7 10.07 -13.72 3.32
N SER A 8 10.63 -14.41 2.33
CA SER A 8 9.93 -14.65 1.07
C SER A 8 8.71 -15.56 1.22
N ALA A 9 8.77 -16.63 2.02
CA ALA A 9 7.75 -17.65 2.10
C ALA A 9 7.79 -18.39 3.41
N LEU A 10 6.59 -18.71 3.94
CA LEU A 10 6.43 -19.42 5.19
C LEU A 10 5.25 -20.36 4.99
N THR A 11 5.31 -21.54 5.56
CA THR A 11 4.20 -22.50 5.56
C THR A 11 3.76 -22.72 7.00
N THR A 12 2.46 -22.64 7.28
CA THR A 12 1.94 -22.99 8.61
C THR A 12 0.75 -23.95 8.46
N SER A 13 0.32 -24.53 9.57
CA SER A 13 -0.85 -25.39 9.60
C SER A 13 -2.02 -24.55 10.14
N PRO A 14 -3.27 -24.90 9.86
CA PRO A 14 -4.44 -24.32 10.52
C PRO A 14 -4.33 -24.40 12.05
N GLY A 15 -4.69 -23.33 12.77
CA GLY A 15 -4.66 -23.37 14.23
C GLY A 15 -3.31 -23.00 14.83
N GLU A 16 -2.24 -22.91 14.05
CA GLU A 16 -0.94 -22.52 14.57
C GLU A 16 -0.83 -21.01 14.60
N THR A 17 0.09 -20.51 15.43
CA THR A 17 0.44 -19.09 15.43
C THR A 17 1.60 -18.94 14.46
N VAL A 18 1.59 -17.92 13.62
CA VAL A 18 2.70 -17.68 12.72
C VAL A 18 3.09 -16.20 12.85
N THR A 19 4.39 -15.90 12.80
CA THR A 19 4.81 -14.51 12.87
C THR A 19 5.63 -14.17 11.64
N LEU A 20 5.34 -13.01 11.08
CA LEU A 20 6.01 -12.48 9.90
C LEU A 20 6.81 -11.27 10.38
N THR A 21 8.03 -11.08 9.89
CA THR A 21 8.83 -9.95 10.33
C THR A 21 9.22 -9.06 9.16
N CYS A 22 9.59 -7.86 9.57
CA CYS A 22 9.92 -6.80 8.67
C CYS A 22 11.13 -6.03 9.23
N ARG A 23 12.24 -5.99 8.50
CA ARG A 23 13.48 -5.38 8.98
C ARG A 23 13.90 -4.16 8.16
N SER A 24 14.53 -3.19 8.82
CA SER A 24 15.08 -2.03 8.14
C SER A 24 16.57 -2.27 7.93
N SER A 25 17.17 -1.86 6.82
CA SER A 25 18.61 -1.98 6.63
C SER A 25 19.35 -1.05 7.62
N THR A 26 18.70 -0.11 8.32
CA THR A 26 19.44 0.68 9.31
C THR A 26 19.72 -0.13 10.56
N GLY A 27 19.12 -1.30 10.75
CA GLY A 27 19.39 -2.08 11.93
C GLY A 27 18.22 -2.18 12.87
N THR A 28 17.31 -1.21 12.93
CA THR A 28 16.17 -1.34 13.84
C THR A 28 14.99 -0.62 13.19
N VAL A 29 13.81 -1.09 13.56
CA VAL A 29 12.52 -0.48 13.18
C VAL A 29 12.01 0.20 14.45
N THR A 30 11.56 1.46 14.39
CA THR A 30 11.13 2.19 15.56
C THR A 30 9.66 2.56 15.42
N SER A 31 9.06 3.10 16.48
CA SER A 31 7.66 3.54 16.45
C SER A 31 7.47 4.63 15.40
N GLY A 32 8.50 5.44 15.15
CA GLY A 32 8.42 6.51 14.18
C GLY A 32 8.33 6.01 12.74
N ASN A 33 8.56 4.72 12.51
CA ASN A 33 8.45 4.14 11.18
C ASN A 33 7.02 3.69 10.88
N HIS A 34 6.14 3.74 11.86
CA HIS A 34 4.68 3.50 11.70
C HIS A 34 4.42 2.23 10.89
N ALA A 35 5.06 1.09 11.17
CA ALA A 35 4.96 -0.11 10.34
C ALA A 35 3.50 -0.47 9.97
N ASN A 36 3.34 -0.68 8.66
CA ASN A 36 2.06 -1.01 8.06
C ASN A 36 2.13 -2.38 7.43
N TRP A 37 1.01 -3.12 7.54
CA TRP A 37 0.87 -4.43 6.94
C TRP A 37 -0.41 -4.46 6.10
N VAL A 38 -0.31 -4.91 4.83
CA VAL A 38 -1.51 -5.08 3.97
C VAL A 38 -1.47 -6.50 3.39
N GLN A 39 -2.64 -7.06 3.04
CA GLN A 39 -2.76 -8.40 2.47
C GLN A 39 -3.22 -8.32 1.00
N GLU A 40 -2.57 -9.07 0.15
CA GLU A 40 -2.90 -9.15 -1.26
C GLU A 40 -3.46 -10.54 -1.50
N LYS A 41 -4.70 -10.53 -1.92
CA LYS A 41 -5.42 -11.72 -2.29
C LYS A 41 -5.41 -11.79 -3.82
N PRO A 42 -5.62 -12.99 -4.39
CA PRO A 42 -5.77 -13.20 -5.82
C PRO A 42 -6.84 -12.30 -6.44
N ASP A 43 -6.36 -11.76 -7.55
CA ASP A 43 -7.13 -10.84 -8.35
C ASP A 43 -6.82 -9.42 -7.92
N HIS A 44 -5.61 -9.11 -7.40
CA HIS A 44 -5.24 -7.75 -6.97
C HIS A 44 -6.21 -7.20 -5.94
N LEU A 45 -6.61 -8.05 -5.02
CA LEU A 45 -7.53 -7.62 -3.99
C LEU A 45 -6.66 -7.22 -2.79
N PHE A 46 -6.51 -5.94 -2.46
CA PHE A 46 -5.69 -5.53 -1.31
C PHE A 46 -6.54 -5.08 -0.17
N THR A 47 -6.24 -5.60 1.01
CA THR A 47 -6.90 -5.27 2.25
C THR A 47 -5.89 -4.67 3.24
N GLY A 48 -6.08 -3.47 3.78
CA GLY A 48 -5.21 -2.90 4.81
C GLY A 48 -5.43 -3.67 6.11
N LEU A 49 -4.37 -4.12 6.79
CA LEU A 49 -4.50 -4.91 7.99
C LEU A 49 -4.12 -4.14 9.27
N ILE A 50 -2.94 -3.51 9.26
CA ILE A 50 -2.35 -2.91 10.47
C ILE A 50 -1.71 -1.61 10.05
N GLY A 51 -1.92 -0.58 10.85
CA GLY A 51 -1.26 0.69 10.63
C GLY A 51 -0.62 1.07 11.95
N ASP A 52 0.36 1.96 11.84
CA ASP A 52 1.05 2.52 12.99
C ASP A 52 1.51 1.46 14.01
N THR A 53 2.15 0.43 13.45
CA THR A 53 2.70 -0.72 14.15
C THR A 53 1.69 -1.69 14.75
N ASN A 54 0.67 -1.24 15.46
CA ASN A 54 -0.20 -2.19 16.14
C ASN A 54 -1.68 -1.86 16.07
N ASN A 55 -2.09 -0.92 15.23
CA ASN A 55 -3.51 -0.56 15.13
C ASN A 55 -4.20 -1.37 14.03
N ARG A 56 -5.12 -2.28 14.39
CA ARG A 56 -5.85 -3.08 13.41
C ARG A 56 -6.81 -2.21 12.62
N ALA A 57 -6.78 -2.38 11.31
CA ALA A 57 -7.58 -1.57 10.42
C ALA A 57 -9.06 -1.91 10.58
N PRO A 58 -10.02 -1.13 10.05
CA PRO A 58 -11.45 -1.44 10.10
C PRO A 58 -11.85 -2.83 9.59
N GLY A 59 -12.38 -3.63 10.51
CA GLY A 59 -12.96 -4.91 10.15
C GLY A 59 -12.00 -6.07 10.13
N VAL A 60 -10.72 -5.85 10.43
CA VAL A 60 -9.76 -6.94 10.46
C VAL A 60 -10.04 -7.84 11.66
N PRO A 61 -10.06 -9.19 11.46
CA PRO A 61 -10.14 -10.18 12.52
C PRO A 61 -9.12 -9.97 13.62
N ALA A 62 -9.57 -10.29 14.82
CA ALA A 62 -8.78 -10.09 16.01
C ALA A 62 -7.55 -10.98 16.05
N ARG A 63 -7.48 -12.02 15.19
CA ARG A 63 -6.34 -12.93 15.24
C ARG A 63 -5.08 -12.31 14.67
N PHE A 64 -5.21 -11.13 14.04
CA PHE A 64 -4.08 -10.44 13.46
C PHE A 64 -3.64 -9.38 14.46
N SER A 65 -2.37 -9.37 14.84
CA SER A 65 -1.88 -8.30 15.70
C SER A 65 -0.50 -7.87 15.22
N GLY A 66 -0.11 -6.62 15.43
CA GLY A 66 1.20 -6.14 15.05
C GLY A 66 1.94 -5.64 16.29
N SER A 67 3.26 -5.71 16.24
CA SER A 67 4.07 -5.22 17.35
C SER A 67 5.53 -5.05 16.91
N LEU A 68 6.38 -4.55 17.79
CA LEU A 68 7.80 -4.47 17.53
C LEU A 68 8.42 -5.55 18.38
N ILE A 69 9.18 -6.44 17.75
CA ILE A 69 9.81 -7.49 18.49
C ILE A 69 11.29 -7.41 18.17
N GLY A 70 12.01 -7.06 19.22
CA GLY A 70 13.43 -6.82 19.11
C GLY A 70 13.62 -5.60 18.22
N ASP A 71 14.35 -5.86 17.16
CA ASP A 71 14.73 -4.85 16.19
C ASP A 71 13.80 -4.76 14.99
N LYS A 72 12.74 -5.57 14.97
CA LYS A 72 11.88 -5.71 13.80
C LYS A 72 10.42 -5.43 14.10
N ALA A 73 9.66 -5.10 13.05
CA ALA A 73 8.21 -5.01 13.19
C ALA A 73 7.75 -6.43 12.84
N ALA A 74 6.67 -6.86 13.48
CA ALA A 74 6.12 -8.18 13.29
C ALA A 74 4.59 -8.18 13.19
N LEU A 75 4.07 -9.13 12.41
CA LEU A 75 2.64 -9.38 12.24
C LEU A 75 2.48 -10.78 12.77
N THR A 76 1.65 -10.98 13.76
CA THR A 76 1.43 -12.32 14.29
C THR A 76 -0.02 -12.68 13.98
N ILE A 77 -0.21 -13.91 13.48
CA ILE A 77 -1.56 -14.39 13.21
C ILE A 77 -1.69 -15.56 14.15
N THR A 78 -2.51 -15.33 15.17
CA THR A 78 -2.71 -16.34 16.20
C THR A 78 -3.86 -17.24 15.74
N GLY A 79 -3.54 -18.47 15.38
CA GLY A 79 -4.56 -19.41 14.95
C GLY A 79 -4.86 -19.20 13.48
N ALA A 80 -3.88 -19.43 12.61
CA ALA A 80 -4.03 -19.26 11.16
C ALA A 80 -5.17 -20.13 10.60
N GLN A 81 -5.91 -19.51 9.69
CA GLN A 81 -7.10 -20.10 9.06
C GLN A 81 -6.73 -20.31 7.61
N PRO A 82 -7.31 -21.25 6.85
CA PRO A 82 -7.05 -21.41 5.41
C PRO A 82 -7.19 -20.11 4.60
N GLU A 83 -8.14 -19.25 4.97
CA GLU A 83 -8.34 -18.01 4.25
C GLU A 83 -7.20 -17.02 4.46
N ASP A 84 -6.29 -17.31 5.38
CA ASP A 84 -5.15 -16.43 5.59
C ASP A 84 -4.09 -16.66 4.53
N GLU A 85 -4.24 -17.66 3.65
CA GLU A 85 -3.26 -17.89 2.62
C GLU A 85 -3.24 -16.69 1.68
N ALA A 86 -2.15 -15.91 1.63
CA ALA A 86 -2.12 -14.68 0.85
C ALA A 86 -0.69 -14.15 0.83
N ILE A 87 -0.42 -13.01 0.20
CA ILE A 87 0.89 -12.37 0.27
C ILE A 87 0.73 -11.20 1.21
N TYR A 88 1.68 -11.01 2.12
CA TYR A 88 1.60 -9.94 3.12
C TYR A 88 2.74 -8.98 2.88
N PHE A 89 2.49 -7.68 2.80
CA PHE A 89 3.50 -6.68 2.54
C PHE A 89 3.61 -5.76 3.74
N CYS A 90 4.85 -5.51 4.15
CA CYS A 90 5.16 -4.58 5.22
C CYS A 90 5.61 -3.29 4.54
N ALA A 91 5.35 -2.12 5.08
CA ALA A 91 5.93 -0.91 4.55
C ALA A 91 6.28 -0.07 5.79
N LEU A 92 7.40 0.68 5.68
CA LEU A 92 7.88 1.55 6.75
C LEU A 92 7.97 2.99 6.28
N TRP A 93 7.63 3.93 7.15
CA TRP A 93 7.76 5.34 6.84
C TRP A 93 9.19 5.75 7.24
N SER A 94 10.03 6.10 6.29
CA SER A 94 11.42 6.38 6.53
C SER A 94 11.82 7.50 5.63
N ASN A 95 12.30 8.57 6.26
CA ASN A 95 12.80 9.76 5.55
C ASN A 95 11.75 10.27 4.59
N ASN A 96 10.53 10.32 5.13
CA ASN A 96 9.37 10.78 4.40
C ASN A 96 9.03 10.04 3.14
N HIS A 97 9.25 8.73 3.16
CA HIS A 97 8.89 7.84 2.06
C HIS A 97 8.27 6.61 2.68
N TRP A 98 7.25 6.00 2.04
CA TRP A 98 6.84 4.67 2.45
C TRP A 98 7.69 3.75 1.58
N ILE A 99 8.39 2.80 2.21
CA ILE A 99 9.28 1.86 1.54
C ILE A 99 8.72 0.47 1.84
N PHE A 100 8.54 -0.32 0.77
CA PHE A 100 7.93 -1.63 0.88
C PHE A 100 8.91 -2.77 0.95
N GLY A 101 8.57 -3.76 1.76
CA GLY A 101 9.28 -5.02 1.76
C GLY A 101 8.83 -5.79 0.51
N GLY A 102 9.47 -6.91 0.21
CA GLY A 102 9.16 -7.67 -0.97
C GLY A 102 7.94 -8.59 -0.83
N GLY A 103 7.29 -8.69 0.32
CA GLY A 103 6.15 -9.57 0.51
C GLY A 103 6.51 -10.96 1.01
N THR A 104 5.66 -11.51 1.85
CA THR A 104 5.82 -12.87 2.31
C THR A 104 4.62 -13.63 1.76
N LYS A 105 4.85 -14.70 1.01
CA LYS A 105 3.75 -15.55 0.61
C LYS A 105 3.52 -16.60 1.72
N LEU A 106 2.35 -16.57 2.34
CA LEU A 106 2.03 -17.50 3.40
C LEU A 106 1.21 -18.65 2.85
N THR A 107 1.66 -19.88 3.06
CA THR A 107 0.95 -21.07 2.66
C THR A 107 0.37 -21.71 3.91
N VAL A 108 -0.92 -22.06 3.91
CA VAL A 108 -1.59 -22.72 5.02
C VAL A 108 -1.93 -24.14 4.52
N LEU A 109 -1.45 -25.16 5.18
CA LEU A 109 -1.67 -26.54 4.80
C LEU A 109 -3.14 -26.94 4.86
N GLY A 110 -3.51 -27.91 4.03
CA GLY A 110 -4.84 -28.47 4.06
C GLY A 110 -5.70 -28.02 2.90
N GLN A 111 -6.99 -28.27 3.11
CA GLN A 111 -8.05 -27.96 2.17
C GLN A 111 -8.82 -26.73 2.63
N PRO A 112 -9.22 -25.95 1.77
N GLY A 127 -22.27 0.02 5.00
CA GLY A 127 -21.25 -0.12 3.98
C GLY A 127 -20.80 1.32 3.74
N GLU B 1 -20.32 1.77 2.57
CA GLU B 1 -20.08 3.18 2.43
C GLU B 1 -18.79 3.54 1.73
N VAL B 2 -17.64 3.23 2.32
CA VAL B 2 -16.38 3.70 1.76
C VAL B 2 -16.07 3.01 0.42
N GLN B 3 -15.84 3.87 -0.55
CA GLN B 3 -15.56 3.54 -1.94
C GLN B 3 -14.47 4.44 -2.47
N VAL B 4 -13.45 3.86 -3.10
CA VAL B 4 -12.44 4.64 -3.81
C VAL B 4 -12.59 4.10 -5.23
N GLN B 5 -13.21 4.87 -6.13
CA GLN B 5 -13.48 4.45 -7.51
C GLN B 5 -12.42 5.01 -8.47
N GLN B 6 -11.64 4.16 -9.11
CA GLN B 6 -10.60 4.65 -10.01
C GLN B 6 -11.05 4.72 -11.45
N SER B 7 -10.43 5.60 -12.24
CA SER B 7 -10.64 5.64 -13.67
C SER B 7 -10.18 4.37 -14.36
N GLY B 8 -10.38 4.19 -15.68
CA GLY B 8 -10.13 2.89 -16.29
C GLY B 8 -8.73 2.70 -16.87
N THR B 9 -8.61 1.64 -17.68
CA THR B 9 -7.37 1.23 -18.33
C THR B 9 -6.88 2.29 -19.29
N VAL B 10 -5.57 2.46 -19.39
CA VAL B 10 -4.98 3.46 -20.25
C VAL B 10 -3.94 2.73 -21.09
N VAL B 11 -3.93 3.01 -22.41
CA VAL B 11 -2.84 2.56 -23.24
C VAL B 11 -2.28 3.88 -23.76
N ALA B 12 -0.95 4.10 -23.72
CA ALA B 12 -0.36 5.36 -24.15
C ALA B 12 0.99 5.06 -24.80
N ARG B 13 1.48 6.03 -25.54
CA ARG B 13 2.75 5.86 -26.22
C ARG B 13 3.86 6.44 -25.40
N PRO B 14 5.10 5.94 -25.53
CA PRO B 14 6.29 6.53 -24.92
C PRO B 14 6.38 8.03 -25.16
N GLY B 15 6.77 8.74 -24.10
CA GLY B 15 6.96 10.17 -24.13
C GLY B 15 5.68 10.93 -23.91
N ALA B 16 4.51 10.27 -23.87
CA ALA B 16 3.27 10.98 -23.61
C ALA B 16 3.07 11.24 -22.12
N SER B 17 1.97 11.89 -21.80
CA SER B 17 1.59 12.27 -20.45
C SER B 17 0.19 11.68 -20.19
N VAL B 18 -0.18 11.13 -19.03
CA VAL B 18 -1.53 10.63 -18.81
C VAL B 18 -1.99 11.15 -17.47
N LYS B 19 -3.29 11.25 -17.27
CA LYS B 19 -3.81 11.72 -16.00
C LYS B 19 -4.77 10.64 -15.53
N MET B 20 -4.64 10.14 -14.29
CA MET B 20 -5.52 9.10 -13.76
C MET B 20 -6.29 9.71 -12.60
N SER B 21 -7.44 9.19 -12.19
CA SER B 21 -8.18 9.79 -11.12
C SER B 21 -8.80 8.73 -10.21
N CYS B 22 -9.20 9.18 -9.02
CA CYS B 22 -9.83 8.37 -7.99
C CYS B 22 -10.95 9.18 -7.38
N LYS B 23 -12.19 8.70 -7.44
CA LYS B 23 -13.27 9.41 -6.80
C LYS B 23 -13.52 8.70 -5.48
N ALA B 24 -13.58 9.48 -4.42
CA ALA B 24 -13.78 8.93 -3.07
C ALA B 24 -15.24 9.10 -2.69
N SER B 25 -15.92 8.13 -2.10
CA SER B 25 -17.25 8.36 -1.55
C SER B 25 -17.44 7.60 -0.25
N GLY B 26 -18.35 8.05 0.62
CA GLY B 26 -18.63 7.33 1.87
C GLY B 26 -17.79 7.80 3.06
N TYR B 27 -17.06 8.92 2.93
CA TYR B 27 -16.26 9.50 4.00
C TYR B 27 -15.94 10.94 3.66
N THR B 28 -15.56 11.74 4.67
CA THR B 28 -15.18 13.12 4.44
C THR B 28 -13.77 13.13 3.82
N PHE B 29 -13.76 13.56 2.58
CA PHE B 29 -12.56 13.64 1.77
C PHE B 29 -11.41 14.43 2.43
N THR B 30 -11.72 15.51 3.15
CA THR B 30 -10.71 16.36 3.72
C THR B 30 -10.21 15.86 5.08
N ASN B 31 -10.58 14.67 5.54
CA ASN B 31 -10.05 14.18 6.81
C ASN B 31 -9.06 13.05 6.64
N TYR B 32 -8.70 12.76 5.38
CA TYR B 32 -7.83 11.63 5.03
C TYR B 32 -6.82 12.01 3.96
N TRP B 33 -5.71 11.26 3.88
CA TRP B 33 -4.75 11.43 2.81
C TRP B 33 -5.16 10.51 1.64
N MET B 34 -4.79 10.82 0.40
CA MET B 34 -4.98 9.85 -0.70
C MET B 34 -3.55 9.55 -1.17
N HIS B 35 -3.14 8.31 -1.18
CA HIS B 35 -1.82 7.88 -1.60
C HIS B 35 -1.96 7.19 -2.95
N TRP B 36 -0.88 7.14 -3.70
CA TRP B 36 -0.82 6.47 -4.99
C TRP B 36 0.30 5.44 -4.91
N ILE B 37 0.00 4.19 -5.24
CA ILE B 37 0.91 3.05 -5.16
C ILE B 37 1.06 2.45 -6.56
N LYS B 38 2.26 2.12 -6.98
CA LYS B 38 2.54 1.47 -8.25
C LYS B 38 2.88 -0.01 -8.03
N GLN B 39 2.29 -0.95 -8.78
CA GLN B 39 2.60 -2.37 -8.65
C GLN B 39 3.03 -2.85 -10.02
N ARG B 40 4.29 -3.27 -10.09
CA ARG B 40 4.82 -3.76 -11.33
C ARG B 40 5.08 -5.23 -11.07
N PRO B 41 4.63 -6.15 -11.96
CA PRO B 41 4.77 -7.60 -11.79
C PRO B 41 6.25 -7.96 -11.64
N GLY B 42 6.51 -8.71 -10.58
CA GLY B 42 7.89 -9.04 -10.24
C GLY B 42 8.38 -8.01 -9.23
N GLN B 43 8.52 -6.76 -9.70
CA GLN B 43 9.04 -5.64 -8.92
C GLN B 43 8.40 -5.37 -7.55
N GLY B 44 7.14 -5.73 -7.37
CA GLY B 44 6.46 -5.50 -6.11
C GLY B 44 5.93 -4.07 -6.10
N LEU B 45 5.80 -3.49 -4.90
CA LEU B 45 5.11 -2.23 -4.74
C LEU B 45 6.03 -1.04 -4.54
N GLU B 46 5.65 0.13 -5.01
CA GLU B 46 6.38 1.37 -4.83
C GLU B 46 5.41 2.49 -4.52
N TRP B 47 5.70 3.34 -3.53
CA TRP B 47 4.88 4.45 -3.19
C TRP B 47 5.24 5.62 -4.08
N ILE B 48 4.25 6.28 -4.68
CA ILE B 48 4.51 7.42 -5.53
C ILE B 48 4.44 8.73 -4.76
N GLY B 49 3.41 8.91 -3.95
CA GLY B 49 3.24 10.17 -3.25
C GLY B 49 1.87 10.17 -2.61
N ALA B 50 1.58 11.27 -1.95
CA ALA B 50 0.35 11.42 -1.20
C ALA B 50 -0.09 12.88 -1.16
N ILE B 51 -1.39 13.13 -1.08
CA ILE B 51 -1.92 14.46 -0.97
C ILE B 51 -2.97 14.46 0.14
N TYR B 52 -2.98 15.54 0.88
CA TYR B 52 -3.98 15.77 1.90
C TYR B 52 -4.89 16.87 1.33
N PRO B 53 -6.10 16.50 0.90
CA PRO B 53 -7.05 17.45 0.33
C PRO B 53 -7.42 18.58 1.27
N GLY B 54 -7.37 18.43 2.61
CA GLY B 54 -7.71 19.47 3.57
C GLY B 54 -6.93 20.76 3.37
N ASN B 55 -5.61 20.70 3.07
CA ASN B 55 -4.84 21.92 2.86
C ASN B 55 -3.88 21.79 1.68
N SER B 56 -4.09 20.77 0.84
CA SER B 56 -3.28 20.47 -0.33
C SER B 56 -1.84 20.11 -0.04
N ALA B 57 -1.48 19.66 1.18
CA ALA B 57 -0.11 19.26 1.44
C ALA B 57 0.23 17.98 0.66
N THR B 58 1.41 17.91 0.06
CA THR B 58 1.86 16.75 -0.69
C THR B 58 3.19 16.20 -0.19
N PHE B 59 3.43 14.89 -0.38
CA PHE B 59 4.72 14.27 -0.15
C PHE B 59 4.94 13.49 -1.44
N TYR B 60 6.08 13.63 -2.09
CA TYR B 60 6.41 12.85 -3.26
C TYR B 60 7.54 11.91 -2.99
N ASN B 61 7.58 10.78 -3.68
CA ASN B 61 8.72 9.91 -3.61
C ASN B 61 9.76 10.68 -4.43
N HIS B 62 11.02 10.81 -3.97
CA HIS B 62 12.04 11.59 -4.70
C HIS B 62 12.26 11.07 -6.13
N LYS B 63 12.09 9.77 -6.36
CA LYS B 63 12.20 9.17 -7.68
C LYS B 63 11.18 9.67 -8.69
N PHE B 64 10.00 10.09 -8.24
CA PHE B 64 8.91 10.43 -9.14
C PHE B 64 8.60 11.90 -9.19
N ARG B 65 9.27 12.68 -8.35
CA ARG B 65 8.98 14.10 -8.20
C ARG B 65 8.90 14.93 -9.46
N ALA B 66 9.79 14.75 -10.43
CA ALA B 66 9.77 15.60 -11.60
C ALA B 66 8.63 15.21 -12.53
N LYS B 67 8.45 13.89 -12.63
CA LYS B 67 7.44 13.39 -13.53
C LYS B 67 6.04 13.22 -12.98
N THR B 68 5.75 13.42 -11.70
CA THR B 68 4.40 13.25 -11.17
C THR B 68 3.79 14.54 -10.69
N LYS B 69 2.49 14.78 -10.88
CA LYS B 69 1.85 15.90 -10.24
C LYS B 69 0.58 15.37 -9.62
N LEU B 70 0.42 15.60 -8.31
CA LEU B 70 -0.75 15.15 -7.59
C LEU B 70 -1.65 16.33 -7.30
N THR B 71 -2.96 16.21 -7.56
CA THR B 71 -3.91 17.27 -7.24
C THR B 71 -5.16 16.64 -6.68
N ALA B 72 -6.07 17.46 -6.15
CA ALA B 72 -7.33 16.96 -5.62
C ALA B 72 -8.38 18.05 -5.80
N VAL B 73 -9.66 17.74 -5.98
CA VAL B 73 -10.69 18.75 -6.17
C VAL B 73 -11.65 18.34 -5.10
N THR B 74 -11.81 19.22 -4.12
CA THR B 74 -12.64 18.86 -3.00
C THR B 74 -14.12 18.88 -3.33
N SER B 75 -14.60 19.78 -4.19
CA SER B 75 -16.01 19.81 -4.54
C SER B 75 -16.51 18.52 -5.18
N THR B 76 -15.63 17.80 -5.87
CA THR B 76 -15.98 16.55 -6.53
C THR B 76 -15.39 15.34 -5.84
N THR B 77 -14.74 15.58 -4.69
CA THR B 77 -14.01 14.54 -3.93
C THR B 77 -13.22 13.58 -4.84
N THR B 78 -12.48 14.20 -5.76
CA THR B 78 -11.64 13.47 -6.70
C THR B 78 -10.16 13.89 -6.59
N ALA B 79 -9.29 12.88 -6.61
CA ALA B 79 -7.84 13.04 -6.57
C ALA B 79 -7.29 12.68 -7.95
N TYR B 80 -6.27 13.39 -8.42
CA TYR B 80 -5.68 13.12 -9.73
C TYR B 80 -4.18 12.91 -9.64
N MET B 81 -3.66 12.05 -10.51
CA MET B 81 -2.22 11.86 -10.64
C MET B 81 -1.87 12.03 -12.10
N GLU B 82 -1.01 12.97 -12.44
CA GLU B 82 -0.57 13.16 -13.80
C GLU B 82 0.86 12.64 -13.92
N LEU B 83 1.14 11.75 -14.87
CA LEU B 83 2.48 11.23 -15.07
C LEU B 83 2.94 11.67 -16.45
N SER B 84 4.15 12.19 -16.62
CA SER B 84 4.60 12.61 -17.93
C SER B 84 5.82 11.80 -18.31
N SER B 85 6.37 11.95 -19.52
CA SER B 85 7.58 11.27 -19.92
C SER B 85 7.50 9.76 -19.80
N LEU B 86 6.34 9.22 -20.18
CA LEU B 86 6.15 7.79 -20.07
C LEU B 86 7.18 6.95 -20.78
N THR B 87 7.62 5.88 -20.14
CA THR B 87 8.51 4.90 -20.71
C THR B 87 7.85 3.58 -20.38
N SER B 88 8.37 2.49 -20.94
CA SER B 88 7.95 1.14 -20.61
C SER B 88 8.08 0.81 -19.12
N GLU B 89 8.97 1.49 -18.38
CA GLU B 89 9.08 1.27 -16.92
C GLU B 89 7.84 1.69 -16.17
N ASP B 90 7.05 2.58 -16.81
CA ASP B 90 5.83 3.05 -16.21
C ASP B 90 4.67 2.12 -16.44
N SER B 91 4.77 1.06 -17.25
CA SER B 91 3.65 0.14 -17.38
C SER B 91 3.50 -0.61 -16.06
N ALA B 92 2.35 -0.47 -15.42
CA ALA B 92 2.08 -1.06 -14.13
C ALA B 92 0.61 -0.84 -13.79
N VAL B 93 0.14 -1.40 -12.67
CA VAL B 93 -1.18 -1.14 -12.15
C VAL B 93 -0.99 -0.09 -11.06
N TYR B 94 -1.77 0.97 -11.08
CA TYR B 94 -1.71 2.06 -10.12
C TYR B 94 -2.93 2.05 -9.21
N TYR B 95 -2.74 2.22 -7.90
CA TYR B 95 -3.80 2.13 -6.92
C TYR B 95 -3.90 3.42 -6.15
N CYS B 96 -5.12 3.88 -5.92
CA CYS B 96 -5.39 4.96 -4.98
C CYS B 96 -5.62 4.31 -3.63
N THR B 97 -5.12 4.81 -2.49
CA THR B 97 -5.42 4.21 -1.21
C THR B 97 -5.68 5.35 -0.23
N ARG B 98 -6.51 5.05 0.76
CA ARG B 98 -6.92 6.01 1.77
C ARG B 98 -5.99 5.89 2.97
N GLY B 99 -5.37 7.00 3.34
CA GLY B 99 -4.47 7.02 4.49
C GLY B 99 -4.86 8.05 5.56
N GLY B 100 -4.15 8.01 6.69
CA GLY B 100 -4.39 8.91 7.80
C GLY B 100 -3.07 8.97 8.58
N HIS B 101 -3.15 9.39 9.84
CA HIS B 101 -1.92 9.45 10.66
C HIS B 101 -1.46 8.04 10.93
N GLY B 102 -0.21 7.73 10.61
CA GLY B 102 0.36 6.44 10.88
C GLY B 102 0.08 5.38 9.81
N TYR B 103 -0.64 5.67 8.70
CA TYR B 103 -0.95 4.62 7.71
C TYR B 103 -1.25 5.21 6.34
N TYR B 104 -0.96 4.42 5.29
CA TYR B 104 -1.16 4.92 3.95
C TYR B 104 -2.40 4.34 3.25
N GLY B 105 -2.91 3.17 3.68
CA GLY B 105 -3.93 2.49 2.88
C GLY B 105 -4.79 1.53 3.65
N ASP B 106 -5.83 2.04 4.33
CA ASP B 106 -6.75 1.11 4.98
C ASP B 106 -7.76 0.58 3.95
N TYR B 107 -8.14 1.39 2.96
CA TYR B 107 -9.05 1.04 1.87
C TYR B 107 -8.28 1.31 0.60
N TRP B 108 -8.31 0.35 -0.33
CA TRP B 108 -7.63 0.45 -1.60
C TRP B 108 -8.64 0.55 -2.77
N GLY B 109 -8.33 1.32 -3.82
CA GLY B 109 -9.12 1.30 -5.05
C GLY B 109 -8.83 -0.04 -5.75
N GLN B 110 -9.53 -0.33 -6.88
CA GLN B 110 -9.38 -1.60 -7.59
C GLN B 110 -8.14 -1.73 -8.49
N GLY B 111 -7.43 -0.62 -8.75
CA GLY B 111 -6.24 -0.64 -9.58
C GLY B 111 -6.62 -0.13 -10.96
N ALA B 112 -5.76 0.64 -11.61
CA ALA B 112 -6.00 1.05 -12.97
C ALA B 112 -4.72 0.66 -13.70
N SER B 113 -4.83 -0.10 -14.79
CA SER B 113 -3.69 -0.51 -15.55
C SER B 113 -3.26 0.50 -16.58
N LEU B 114 -1.96 0.75 -16.63
CA LEU B 114 -1.37 1.62 -17.62
C LEU B 114 -0.39 0.78 -18.44
N THR B 115 -0.56 0.76 -19.77
CA THR B 115 0.36 0.10 -20.68
C THR B 115 0.92 1.17 -21.59
N VAL B 116 2.25 1.21 -21.67
CA VAL B 116 2.96 2.15 -22.52
C VAL B 116 3.49 1.23 -23.61
N SER B 117 3.12 1.51 -24.86
CA SER B 117 3.53 0.70 -25.98
C SER B 117 3.45 1.58 -27.22
#